data_4AYY
#
_entry.id   4AYY
#
_cell.length_a   90.800
_cell.length_b   90.800
_cell.length_c   132.500
_cell.angle_alpha   90.00
_cell.angle_beta   90.00
_cell.angle_gamma   90.00
#
_symmetry.space_group_name_H-M   'P 43 21 2'
#
loop_
_entity.id
_entity.type
_entity.pdbx_description
1 polymer 'THROMBIN LIGHT CHAIN'
2 polymer 'THROMBIN HEAVY CHAIN'
3 polymer "HIRUDIN-3A'"
4 non-polymer '(R)-1-[(S)-3-[((S)-1-Carbamimidoyl-piperidin-3-ylmethyl)-carbamoyl]-2-(naphthalene-2-sulfonylamino)-propionyl]-4-methyl-piperidine-2-carboxylic acid'
5 non-polymer 2-acetamido-2-deoxy-beta-D-glucopyranose
6 non-polymer 'SODIUM ION'
7 water water
#
loop_
_entity_poly.entity_id
_entity_poly.type
_entity_poly.pdbx_seq_one_letter_code
_entity_poly.pdbx_strand_id
1 'polypeptide(L)' GEADCGLRPLFEKKSLEDKTERELLESYID A
2 'polypeptide(L)'
;IVEGSDAEIGMSPWQVMLFRKSPQELLCGASLISDRWVLTAAHCLLYPPWDKNFTENDLLVRIGKHSRTRYERNIEKISM
LEKIYIHPRYNWRENLDRDIALMKLKKPVAFSDYIHPVCLPDRETAASLLQAGYKGRVTGWGNLKETWTANVGKGQPSVL
QVVNLPIVERPVCKDSTRIRITDNMFCAGYKPDEGKRGDACEGDSGGPFVMKSPFNNRWYQMGIVSWGEGCDRDGKYGFY
THVFRLKKWIQKVIDQF
;
B
3 'polypeptide(L)' DFEEIPEEYLQ D
#
loop_
_chem_comp.id
_chem_comp.type
_chem_comp.name
_chem_comp.formula
9MX non-polymer '(R)-1-[(S)-3-[((S)-1-Carbamimidoyl-piperidin-3-ylmethyl)-carbamoyl]-2-(naphthalene-2-sulfonylamino)-propionyl]-4-methyl-piperidine-2-carboxylic acid' 'C28 H38 N6 O6 S'
NA non-polymer 'SODIUM ION' 'Na 1'
NAG D-saccharide, beta linking 2-acetamido-2-deoxy-beta-D-glucopyranose 'C8 H15 N O6'
#
# COMPACT_ATOMS: atom_id res chain seq x y z
N GLY A 1 13.67 -19.43 -14.08
CA GLY A 1 13.58 -18.01 -14.52
C GLY A 1 13.10 -17.09 -13.41
N GLU A 2 12.59 -15.93 -13.82
CA GLU A 2 12.04 -14.94 -12.89
C GLU A 2 10.80 -15.48 -12.19
N ALA A 3 10.73 -15.27 -10.87
CA ALA A 3 9.56 -15.69 -10.10
C ALA A 3 8.30 -15.02 -10.64
N ASP A 4 7.25 -15.82 -10.74
CA ASP A 4 5.90 -15.36 -11.09
C ASP A 4 5.43 -14.23 -10.15
N CYS A 5 4.78 -13.21 -10.69
CA CYS A 5 4.34 -12.07 -9.90
C CYS A 5 3.25 -11.30 -10.60
N GLY A 6 2.37 -10.67 -9.82
CA GLY A 6 1.38 -9.75 -10.35
C GLY A 6 0.29 -10.43 -11.17
N LEU A 7 0.25 -11.75 -11.17
CA LEU A 7 -0.84 -12.51 -11.76
C LEU A 7 -1.63 -13.22 -10.67
N ARG A 8 -2.85 -12.75 -10.42
CA ARG A 8 -3.60 -13.20 -9.25
C ARG A 8 -4.25 -14.58 -9.48
N PRO A 9 -4.01 -15.53 -8.56
CA PRO A 9 -4.59 -16.87 -8.70
C PRO A 9 -6.10 -16.90 -8.94
N LEU A 10 -6.85 -15.97 -8.35
CA LEU A 10 -8.32 -15.99 -8.50
C LEU A 10 -8.84 -15.10 -9.63
N PHE A 11 -7.95 -14.39 -10.31
CA PHE A 11 -8.40 -13.54 -11.42
C PHE A 11 -7.68 -13.83 -12.74
N GLU A 12 -6.54 -13.18 -12.99
CA GLU A 12 -5.78 -13.41 -14.24
C GLU A 12 -5.63 -14.89 -14.55
N LYS A 13 -5.28 -15.70 -13.55
CA LYS A 13 -5.03 -17.13 -13.74
C LYS A 13 -6.27 -17.97 -14.07
N LYS A 14 -7.46 -17.42 -13.88
CA LYS A 14 -8.69 -18.11 -14.24
C LYS A 14 -9.43 -17.32 -15.32
N SER A 15 -8.72 -16.39 -15.96
CA SER A 15 -9.31 -15.46 -16.94
C SER A 15 -10.55 -14.72 -16.46
N LEU A 16 -10.63 -14.45 -15.17
CA LEU A 16 -11.73 -13.64 -14.63
C LEU A 16 -11.22 -12.23 -14.39
N GLU A 17 -12.09 -11.24 -14.60
CA GLU A 17 -11.68 -9.88 -14.28
C GLU A 17 -12.40 -9.28 -13.06
N ASP A 18 -11.72 -8.45 -12.26
CA ASP A 18 -12.40 -7.85 -11.11
C ASP A 18 -13.35 -6.73 -11.54
N LYS A 19 -14.21 -6.31 -10.61
CA LYS A 19 -15.33 -5.40 -10.88
C LYS A 19 -14.94 -4.03 -11.44
N THR A 20 -13.74 -3.55 -11.14
CA THR A 20 -13.42 -2.19 -11.54
C THR A 20 -12.13 -2.05 -12.33
N GLU A 21 -11.50 -3.17 -12.70
CA GLU A 21 -10.20 -3.08 -13.39
C GLU A 21 -10.31 -2.44 -14.79
N ARG A 22 -11.44 -2.66 -15.44
CA ARG A 22 -11.69 -2.03 -16.74
C ARG A 22 -11.53 -0.51 -16.69
N GLU A 23 -11.95 0.11 -15.58
CA GLU A 23 -11.73 1.53 -15.38
C GLU A 23 -10.23 1.93 -15.50
N LEU A 24 -9.33 1.08 -14.97
CA LEU A 24 -7.89 1.34 -15.08
C LEU A 24 -7.39 1.27 -16.52
N LEU A 25 -7.73 0.18 -17.21
CA LEU A 25 -7.35 -0.04 -18.62
C LEU A 25 -7.84 1.07 -19.57
N GLU A 26 -9.12 1.43 -19.47
CA GLU A 26 -9.67 2.54 -20.24
C GLU A 26 -8.94 3.85 -20.06
N SER A 27 -8.40 4.10 -18.86
CA SER A 27 -7.69 5.34 -18.61
C SER A 27 -6.46 5.49 -19.53
N TYR A 28 -5.96 4.37 -20.05
CA TYR A 28 -4.79 4.36 -20.91
C TYR A 28 -5.11 4.88 -22.32
N ILE A 29 -6.36 4.74 -22.74
CA ILE A 29 -6.75 5.06 -24.09
C ILE A 29 -7.74 6.25 -24.16
N ASP A 30 -7.36 7.38 -23.58
CA ASP A 30 -8.16 8.61 -23.65
C ASP A 30 -7.49 9.83 -24.34
N ILE B 1 -9.54 4.22 3.43
CA ILE B 1 -9.92 4.59 2.03
C ILE B 1 -11.24 5.33 2.05
N VAL B 2 -11.23 6.56 1.52
CA VAL B 2 -12.43 7.36 1.39
C VAL B 2 -13.04 7.15 0.00
N GLU B 3 -14.34 6.90 -0.02
CA GLU B 3 -15.14 6.79 -1.25
C GLU B 3 -14.71 5.63 -2.12
N GLY B 4 -14.23 4.57 -1.50
CA GLY B 4 -13.86 3.36 -2.21
C GLY B 4 -14.99 2.37 -2.11
N SER B 5 -14.72 1.11 -2.36
CA SER B 5 -15.70 0.08 -2.08
C SER B 5 -15.02 -1.20 -1.61
N ASP B 6 -15.82 -2.19 -1.23
CA ASP B 6 -15.32 -3.45 -0.70
C ASP B 6 -14.51 -4.20 -1.75
N ALA B 7 -13.33 -4.68 -1.38
CA ALA B 7 -12.58 -5.50 -2.30
C ALA B 7 -13.33 -6.81 -2.48
N GLU B 8 -13.18 -7.42 -3.64
CA GLU B 8 -13.53 -8.82 -3.80
C GLU B 8 -12.44 -9.69 -3.13
N ILE B 9 -12.82 -10.89 -2.74
CA ILE B 9 -11.90 -11.85 -2.14
C ILE B 9 -10.76 -12.14 -3.13
N GLY B 10 -9.52 -12.06 -2.66
CA GLY B 10 -8.33 -12.37 -3.48
C GLY B 10 -7.93 -11.33 -4.52
N MET B 11 -8.54 -10.14 -4.45
CA MET B 11 -8.33 -9.05 -5.39
C MET B 11 -6.94 -8.41 -5.23
N SER B 12 -6.41 -8.47 -4.02
CA SER B 12 -5.13 -7.88 -3.69
C SER B 12 -4.29 -8.87 -2.92
N PRO B 13 -3.85 -9.96 -3.57
CA PRO B 13 -3.24 -11.00 -2.73
C PRO B 13 -1.88 -10.61 -2.15
N TRP B 14 -1.34 -9.45 -2.54
CA TRP B 14 -0.04 -8.95 -2.01
C TRP B 14 -0.22 -7.94 -0.85
N GLN B 15 -1.46 -7.60 -0.52
CA GLN B 15 -1.75 -6.68 0.59
C GLN B 15 -1.33 -7.32 1.91
N VAL B 16 -0.58 -6.58 2.70
CA VAL B 16 -0.12 -7.02 4.00
C VAL B 16 -0.67 -6.04 5.04
N MET B 17 -1.02 -6.54 6.22
CA MET B 17 -1.40 -5.70 7.37
C MET B 17 -0.25 -5.67 8.36
N LEU B 18 0.15 -4.47 8.78
CA LEU B 18 1.10 -4.32 9.88
C LEU B 18 0.36 -4.19 11.18
N PHE B 19 0.68 -5.09 12.10
CA PHE B 19 -0.12 -5.25 13.30
C PHE B 19 0.74 -5.15 14.56
N ARG B 20 0.39 -4.20 15.42
CA ARG B 20 1.06 -3.99 16.68
C ARG B 20 0.62 -5.05 17.71
N LYS B 21 1.57 -5.58 18.47
CA LYS B 21 1.28 -6.61 19.46
C LYS B 21 0.50 -6.12 20.69
N SER B 22 0.95 -5.00 21.25
CA SER B 22 0.43 -4.51 22.52
C SER B 22 0.60 -2.99 22.60
N PRO B 23 -0.51 -2.24 22.63
CA PRO B 23 -1.88 -2.71 22.44
C PRO B 23 -2.11 -3.24 21.00
N GLN B 24 -3.06 -4.17 20.84
CA GLN B 24 -3.41 -4.68 19.52
C GLN B 24 -4.11 -3.61 18.69
N GLU B 25 -3.44 -3.18 17.62
CA GLU B 25 -4.03 -2.21 16.68
C GLU B 25 -3.44 -2.35 15.27
N LEU B 26 -4.20 -1.89 14.27
CA LEU B 26 -3.71 -1.79 12.91
C LEU B 26 -2.74 -0.63 12.84
N LEU B 27 -1.52 -0.85 12.36
CA LEU B 27 -0.55 0.22 12.26
C LEU B 27 -0.52 0.87 10.88
N CYS B 28 -0.61 0.05 9.84
CA CYS B 28 -0.25 0.41 8.46
C CYS B 28 -0.52 -0.73 7.48
N GLY B 29 -0.60 -0.39 6.20
CA GLY B 29 -0.55 -1.38 5.12
C GLY B 29 0.89 -1.66 4.72
N ALA B 30 1.05 -2.65 3.85
CA ALA B 30 2.34 -3.01 3.29
C ALA B 30 2.05 -3.90 2.08
N SER B 31 3.09 -4.34 1.37
CA SER B 31 2.90 -5.27 0.25
C SER B 31 3.96 -6.36 0.21
N LEU B 32 3.56 -7.54 -0.24
CA LEU B 32 4.43 -8.69 -0.40
C LEU B 32 5.15 -8.66 -1.74
N ILE B 33 6.48 -8.64 -1.74
CA ILE B 33 7.24 -8.60 -3.00
C ILE B 33 8.00 -9.89 -3.33
N SER B 34 8.21 -10.75 -2.34
CA SER B 34 8.70 -12.10 -2.55
C SER B 34 8.23 -12.94 -1.38
N ASP B 35 8.75 -14.15 -1.23
CA ASP B 35 8.34 -14.99 -0.11
C ASP B 35 8.94 -14.58 1.26
N ARG B 36 9.93 -13.69 1.28
N ARG B 36 9.94 -13.69 1.22
CA ARG B 36 10.51 -13.25 2.55
CA ARG B 36 10.69 -13.28 2.40
C ARG B 36 10.66 -11.75 2.71
C ARG B 36 10.62 -11.77 2.71
N TRP B 37 10.20 -10.97 1.73
CA TRP B 37 10.32 -9.52 1.83
C TRP B 37 9.01 -8.77 1.72
N VAL B 38 8.85 -7.78 2.59
CA VAL B 38 7.67 -6.93 2.63
C VAL B 38 8.09 -5.48 2.46
N LEU B 39 7.35 -4.76 1.62
CA LEU B 39 7.65 -3.35 1.36
C LEU B 39 6.62 -2.45 2.04
N THR B 40 7.09 -1.43 2.75
CA THR B 40 6.19 -0.48 3.42
C THR B 40 6.75 0.95 3.42
N ALA B 41 6.05 1.89 4.06
CA ALA B 41 6.56 3.26 4.23
C ALA B 41 7.45 3.34 5.46
N ALA B 42 8.53 4.14 5.39
CA ALA B 42 9.44 4.33 6.53
C ALA B 42 8.70 4.91 7.76
N HIS B 43 7.80 5.85 7.52
CA HIS B 43 7.13 6.56 8.59
C HIS B 43 6.14 5.69 9.40
N CYS B 44 5.81 4.51 8.87
CA CYS B 44 5.07 3.50 9.64
C CYS B 44 5.88 2.95 10.82
N LEU B 45 7.22 3.02 10.74
CA LEU B 45 8.07 2.40 11.75
C LEU B 45 8.86 3.42 12.59
N LEU B 46 9.21 4.54 11.95
CA LEU B 46 10.09 5.53 12.54
C LEU B 46 9.61 6.93 12.22
N TYR B 47 9.10 7.61 13.23
CA TYR B 47 8.80 9.03 13.12
C TYR B 47 9.04 9.69 14.48
N PRO B 48 10.28 10.22 14.71
CA PRO B 48 10.64 10.79 16.02
C PRO B 48 9.77 11.95 16.55
N PRO B 49 9.29 12.87 15.68
CA PRO B 49 8.41 13.92 16.23
C PRO B 49 7.21 13.44 17.08
N TRP B 50 6.74 12.20 16.87
CA TRP B 50 5.72 11.60 17.74
C TRP B 50 6.25 10.37 18.47
N ASP B 51 7.55 10.39 18.75
CA ASP B 51 8.22 9.32 19.49
C ASP B 51 7.87 7.89 19.04
N LYS B 52 7.68 7.73 17.72
CA LYS B 52 7.41 6.44 17.09
C LYS B 52 8.72 5.81 16.63
N ASN B 53 9.04 4.65 17.17
CA ASN B 53 10.25 3.95 16.83
C ASN B 53 10.04 2.46 17.08
N PHE B 54 9.38 1.78 16.15
CA PHE B 54 9.06 0.35 16.29
C PHE B 54 10.20 -0.59 15.91
N THR B 55 10.24 -1.72 16.61
CA THR B 55 11.29 -2.71 16.57
C THR B 55 10.74 -4.02 15.99
N GLU B 56 11.62 -4.91 15.55
CA GLU B 56 11.25 -6.26 15.07
C GLU B 56 10.31 -7.04 15.99
N ASN B 57 10.42 -6.78 17.29
CA ASN B 57 9.65 -7.51 18.30
C ASN B 57 8.30 -6.85 18.61
N ASP B 58 8.14 -5.60 18.19
CA ASP B 58 6.90 -4.88 18.44
C ASP B 58 5.74 -5.24 17.50
N LEU B 59 6.04 -5.99 16.44
CA LEU B 59 5.13 -6.07 15.28
C LEU B 59 4.95 -7.45 14.75
N LEU B 60 3.75 -7.67 14.24
CA LEU B 60 3.44 -8.81 13.43
C LEU B 60 3.03 -8.34 12.03
N VAL B 61 3.26 -9.21 11.07
CA VAL B 61 2.84 -9.02 9.70
C VAL B 61 1.75 -10.07 9.44
N ARG B 62 0.60 -9.62 8.96
CA ARG B 62 -0.51 -10.53 8.63
C ARG B 62 -0.84 -10.48 7.11
N ILE B 63 -0.80 -11.65 6.48
CA ILE B 63 -0.86 -11.74 5.03
C ILE B 63 -2.03 -12.61 4.60
N GLY B 64 -2.68 -12.24 3.51
CA GLY B 64 -3.83 -13.03 3.02
C GLY B 64 -5.19 -12.60 3.57
N LYS B 65 -5.24 -11.44 4.21
CA LYS B 65 -6.44 -11.04 4.93
C LYS B 65 -7.51 -10.37 4.04
N HIS B 66 -8.77 -10.57 4.40
CA HIS B 66 -9.89 -9.86 3.79
C HIS B 66 -10.57 -8.96 4.85
N SER B 67 -11.04 -9.56 5.95
CA SER B 67 -11.66 -8.83 7.06
C SER B 67 -10.59 -8.03 7.81
N ARG B 68 -10.98 -6.87 8.34
CA ARG B 68 -10.07 -6.07 9.16
C ARG B 68 -9.79 -6.70 10.51
N THR B 69 -10.82 -7.29 11.12
CA THR B 69 -10.75 -7.66 12.55
C THR B 69 -10.69 -9.16 12.82
N ARG B 70 -11.26 -9.97 11.93
CA ARG B 70 -11.30 -11.41 12.15
C ARG B 70 -9.94 -12.06 12.10
N TYR B 71 -9.82 -13.17 12.81
CA TYR B 71 -8.67 -14.03 12.67
C TYR B 71 -9.09 -15.08 11.67
N GLU B 72 -8.60 -14.93 10.44
CA GLU B 72 -9.11 -15.74 9.34
C GLU B 72 -8.28 -17.02 9.26
N ARG B 73 -8.62 -17.93 10.17
CA ARG B 73 -7.86 -19.15 10.47
C ARG B 73 -7.37 -19.94 9.25
N ASN B 74 -8.24 -20.16 8.28
CA ASN B 74 -7.87 -20.99 7.13
C ASN B 74 -6.99 -20.31 6.07
N ILE B 75 -6.96 -18.98 6.09
CA ILE B 75 -6.55 -18.21 4.93
C ILE B 75 -5.34 -17.32 5.17
N GLU B 76 -5.29 -16.69 6.35
CA GLU B 76 -4.22 -15.74 6.63
C GLU B 76 -2.99 -16.43 7.25
N LYS B 77 -1.82 -15.82 7.05
CA LYS B 77 -0.59 -16.28 7.64
C LYS B 77 -0.03 -15.15 8.46
N ILE B 78 0.42 -15.47 9.66
CA ILE B 78 0.98 -14.48 10.55
C ILE B 78 2.47 -14.75 10.68
N SER B 79 3.29 -13.72 10.46
CA SER B 79 4.74 -13.91 10.47
C SER B 79 5.42 -12.92 11.40
N MET B 80 6.54 -13.34 11.95
CA MET B 80 7.37 -12.46 12.75
C MET B 80 8.45 -11.84 11.87
N LEU B 81 9.05 -10.76 12.32
CA LEU B 81 10.08 -10.06 11.54
C LEU B 81 11.52 -10.42 11.95
N GLU B 82 12.37 -10.68 10.97
CA GLU B 82 13.78 -10.89 11.25
C GLU B 82 14.53 -9.57 11.36
N LYS B 83 14.24 -8.62 10.48
CA LYS B 83 15.04 -7.40 10.39
C LYS B 83 14.32 -6.32 9.57
N ILE B 84 14.42 -5.08 10.03
CA ILE B 84 13.84 -3.92 9.39
C ILE B 84 14.97 -3.10 8.77
N TYR B 85 14.75 -2.58 7.55
CA TYR B 85 15.71 -1.71 6.88
C TYR B 85 15.03 -0.44 6.42
N ILE B 86 15.56 0.69 6.84
CA ILE B 86 15.01 1.98 6.51
C ILE B 86 15.98 2.72 5.61
N HIS B 87 15.48 3.38 4.56
CA HIS B 87 16.36 4.14 3.70
C HIS B 87 17.24 5.12 4.49
N PRO B 88 18.56 5.05 4.28
CA PRO B 88 19.49 5.86 5.06
C PRO B 88 19.25 7.37 4.92
N ARG B 89 18.66 7.81 3.81
CA ARG B 89 18.42 9.24 3.61
C ARG B 89 16.95 9.63 3.67
N TYR B 90 16.18 8.84 4.43
CA TYR B 90 14.78 9.13 4.75
C TYR B 90 14.69 10.42 5.54
N ASN B 91 14.01 11.41 5.00
CA ASN B 91 13.94 12.73 5.58
C ASN B 91 12.62 12.98 6.33
N TRP B 92 12.60 12.63 7.62
CA TRP B 92 11.41 12.85 8.45
C TRP B 92 11.25 14.30 8.96
N ARG B 93 12.35 15.05 8.91
CA ARG B 93 12.39 16.45 9.39
C ARG B 93 11.50 17.41 8.60
N GLU B 94 11.59 17.37 7.27
CA GLU B 94 10.85 18.36 6.49
C GLU B 94 9.80 17.91 5.48
N ASN B 95 10.02 16.80 4.77
CA ASN B 95 9.05 16.45 3.73
C ASN B 95 8.74 14.96 3.50
N LEU B 96 9.28 14.08 4.33
CA LEU B 96 9.10 12.62 4.19
C LEU B 96 9.68 12.09 2.89
N ASP B 97 10.82 12.66 2.50
CA ASP B 97 11.50 12.27 1.28
C ASP B 97 12.10 10.89 1.50
N ARG B 98 11.99 10.03 0.49
CA ARG B 98 12.43 8.63 0.56
C ARG B 98 11.72 7.84 1.68
N ASP B 99 10.39 7.95 1.71
CA ASP B 99 9.56 7.28 2.68
C ASP B 99 9.38 5.80 2.29
N ILE B 100 10.38 4.99 2.60
CA ILE B 100 10.40 3.61 2.15
C ILE B 100 11.14 2.73 3.16
N ALA B 101 10.68 1.49 3.33
CA ALA B 101 11.33 0.56 4.24
C ALA B 101 11.09 -0.84 3.75
N LEU B 102 12.05 -1.72 4.02
CA LEU B 102 11.93 -3.14 3.78
C LEU B 102 11.90 -3.94 5.09
N MET B 103 11.23 -5.09 5.08
CA MET B 103 11.18 -5.95 6.25
C MET B 103 11.39 -7.38 5.80
N LYS B 104 12.28 -8.10 6.48
CA LYS B 104 12.55 -9.46 6.13
C LYS B 104 11.81 -10.38 7.10
N LEU B 105 11.04 -11.30 6.56
CA LEU B 105 10.30 -12.24 7.39
C LEU B 105 11.26 -13.25 7.98
N LYS B 106 10.95 -13.72 9.18
CA LYS B 106 11.74 -14.73 9.89
C LYS B 106 11.75 -16.08 9.15
N LYS B 107 10.60 -16.49 8.61
CA LYS B 107 10.47 -17.69 7.77
C LYS B 107 9.74 -17.30 6.47
N PRO B 108 10.01 -18.00 5.36
CA PRO B 108 9.27 -17.74 4.10
C PRO B 108 7.79 -18.13 4.18
N VAL B 109 6.91 -17.43 3.46
CA VAL B 109 5.49 -17.81 3.44
C VAL B 109 5.18 -18.64 2.20
N ALA B 110 4.26 -19.58 2.35
CA ALA B 110 3.75 -20.35 1.23
C ALA B 110 2.71 -19.50 0.51
N PHE B 111 2.81 -19.42 -0.82
CA PHE B 111 1.83 -18.73 -1.61
C PHE B 111 0.58 -19.59 -1.66
N SER B 112 -0.54 -18.99 -2.06
CA SER B 112 -1.80 -19.70 -2.11
C SER B 112 -2.69 -18.83 -2.97
N ASP B 113 -3.99 -19.11 -2.98
CA ASP B 113 -4.93 -18.31 -3.74
C ASP B 113 -5.07 -16.90 -3.21
N TYR B 114 -4.67 -16.71 -1.95
CA TYR B 114 -4.92 -15.46 -1.24
C TYR B 114 -3.64 -14.69 -0.94
N ILE B 115 -2.50 -15.32 -1.22
CA ILE B 115 -1.19 -14.75 -0.95
C ILE B 115 -0.32 -14.93 -2.20
N HIS B 116 0.06 -13.81 -2.81
CA HIS B 116 0.83 -13.79 -4.07
C HIS B 116 1.53 -12.43 -4.21
N PRO B 117 2.80 -12.42 -4.64
CA PRO B 117 3.54 -11.14 -4.69
C PRO B 117 3.19 -10.27 -5.90
N VAL B 118 3.48 -8.98 -5.79
CA VAL B 118 3.25 -7.99 -6.85
C VAL B 118 4.59 -7.80 -7.58
N CYS B 119 4.59 -7.37 -8.83
CA CYS B 119 5.84 -7.09 -9.51
C CYS B 119 6.29 -5.68 -9.18
N LEU B 120 7.61 -5.50 -9.10
CA LEU B 120 8.21 -4.17 -9.10
C LEU B 120 8.48 -3.78 -10.56
N PRO B 121 8.43 -2.49 -10.90
CA PRO B 121 8.56 -2.13 -12.32
C PRO B 121 10.01 -2.03 -12.82
N ASP B 122 10.22 -2.36 -14.09
CA ASP B 122 11.48 -2.04 -14.77
C ASP B 122 11.37 -0.63 -15.37
N ARG B 123 12.45 -0.17 -16.00
CA ARG B 123 12.51 1.15 -16.62
C ARG B 123 11.41 1.41 -17.68
N GLU B 124 11.11 0.42 -18.53
CA GLU B 124 10.16 0.60 -19.63
C GLU B 124 8.75 0.72 -19.13
N THR B 125 8.40 -0.12 -18.16
CA THR B 125 7.12 -0.08 -17.47
C THR B 125 6.90 1.24 -16.74
N ALA B 126 7.85 1.67 -15.93
CA ALA B 126 7.76 2.96 -15.25
C ALA B 126 7.54 4.13 -16.22
N ALA B 127 8.30 4.18 -17.31
CA ALA B 127 8.16 5.27 -18.29
C ALA B 127 6.83 5.25 -19.04
N SER B 128 6.33 4.06 -19.36
CA SER B 128 5.03 3.91 -20.03
C SER B 128 3.84 4.24 -19.13
N LEU B 129 3.86 3.73 -17.89
CA LEU B 129 2.67 3.73 -17.04
C LEU B 129 2.54 4.96 -16.16
N LEU B 130 3.66 5.53 -15.75
CA LEU B 130 3.63 6.70 -14.87
C LEU B 130 3.42 8.01 -15.59
N GLN B 131 2.20 8.23 -16.10
CA GLN B 131 1.87 9.46 -16.84
C GLN B 131 0.58 10.06 -16.31
N ALA B 132 0.57 11.38 -16.17
CA ALA B 132 -0.62 12.12 -15.73
C ALA B 132 -1.87 11.67 -16.46
N GLY B 133 -2.96 11.45 -15.73
CA GLY B 133 -4.22 11.04 -16.34
C GLY B 133 -4.45 9.55 -16.33
N TYR B 134 -3.39 8.75 -16.25
CA TYR B 134 -3.53 7.30 -16.08
C TYR B 134 -3.94 6.99 -14.61
N LYS B 135 -4.71 5.93 -14.44
CA LYS B 135 -5.25 5.54 -13.14
C LYS B 135 -4.55 4.33 -12.52
N GLY B 136 -4.20 4.45 -11.24
CA GLY B 136 -3.78 3.32 -10.43
C GLY B 136 -4.79 2.98 -9.33
N ARG B 137 -4.46 1.98 -8.52
CA ARG B 137 -5.35 1.49 -7.50
C ARG B 137 -4.71 1.47 -6.12
N VAL B 138 -5.44 1.93 -5.12
CA VAL B 138 -4.97 1.90 -3.72
C VAL B 138 -5.88 0.99 -2.90
N THR B 139 -5.32 0.20 -2.00
CA THR B 139 -6.11 -0.64 -1.11
C THR B 139 -5.67 -0.49 0.35
N GLY B 140 -6.60 -0.73 1.28
CA GLY B 140 -6.28 -0.69 2.70
C GLY B 140 -7.45 -0.80 3.65
N TRP B 141 -7.14 -0.89 4.94
CA TRP B 141 -8.16 -1.02 5.95
C TRP B 141 -8.24 0.27 6.79
N GLY B 142 -7.67 1.36 6.26
CA GLY B 142 -7.70 2.64 6.97
C GLY B 142 -9.07 3.30 6.99
N ASN B 143 -9.14 4.47 7.64
CA ASN B 143 -10.40 5.18 7.90
C ASN B 143 -11.19 5.54 6.65
N LEU B 144 -12.51 5.54 6.80
CA LEU B 144 -13.47 5.81 5.72
C LEU B 144 -13.81 7.30 5.51
N LYS B 145 -13.43 8.14 6.47
CA LYS B 145 -13.68 9.58 6.44
C LYS B 145 -12.55 10.21 7.20
N GLU B 146 -12.29 11.49 6.96
CA GLU B 146 -11.30 12.20 7.75
C GLU B 146 -11.74 12.28 9.22
N THR B 147 -13.02 12.58 9.40
CA THR B 147 -13.57 12.78 10.70
C THR B 147 -15.00 12.24 10.73
N TRP B 148 -15.44 11.79 11.90
CA TRP B 148 -16.81 11.31 12.06
C TRP B 148 -17.27 11.52 13.51
N THR B 149 -18.58 11.43 13.74
CA THR B 149 -19.16 11.60 15.08
C THR B 149 -18.85 10.38 15.96
N ALA B 150 -18.25 10.61 17.12
CA ALA B 150 -17.80 9.51 17.98
C ALA B 150 -18.94 8.57 18.39
N ASN B 151 -18.68 7.26 18.33
CA ASN B 151 -19.62 6.21 18.74
C ASN B 151 -20.92 6.17 17.98
N VAL B 152 -20.98 6.80 16.81
CA VAL B 152 -22.17 6.81 15.97
C VAL B 152 -21.74 6.49 14.54
N GLY B 153 -21.03 7.44 13.91
CA GLY B 153 -20.50 7.30 12.55
C GLY B 153 -19.69 6.03 12.30
N LYS B 154 -19.34 5.83 11.02
CA LYS B 154 -18.69 4.60 10.52
C LYS B 154 -17.24 4.37 11.04
N GLY B 155 -16.30 5.19 10.57
CA GLY B 155 -14.90 5.08 10.99
C GLY B 155 -14.07 4.09 10.19
N GLN B 156 -14.06 2.84 10.64
CA GLN B 156 -13.28 1.79 10.02
C GLN B 156 -14.15 0.81 9.26
N PRO B 157 -13.64 0.32 8.11
CA PRO B 157 -14.34 -0.68 7.31
C PRO B 157 -14.27 -2.03 8.00
N SER B 158 -15.16 -2.94 7.63
CA SER B 158 -15.00 -4.27 8.19
C SER B 158 -14.21 -5.19 7.25
N VAL B 159 -14.19 -4.87 5.96
CA VAL B 159 -13.35 -5.57 4.98
C VAL B 159 -12.46 -4.59 4.20
N LEU B 160 -11.39 -5.10 3.62
CA LEU B 160 -10.47 -4.36 2.73
C LEU B 160 -11.20 -3.47 1.73
N GLN B 161 -10.72 -2.23 1.60
CA GLN B 161 -11.30 -1.25 0.69
C GLN B 161 -10.40 -0.99 -0.51
N VAL B 162 -11.01 -0.54 -1.61
CA VAL B 162 -10.31 -0.31 -2.88
C VAL B 162 -10.79 0.99 -3.54
N VAL B 163 -9.88 1.75 -4.13
CA VAL B 163 -10.23 2.93 -4.89
C VAL B 163 -9.24 3.15 -6.04
N ASN B 164 -9.77 3.60 -7.18
CA ASN B 164 -8.95 3.90 -8.37
C ASN B 164 -8.77 5.41 -8.55
N LEU B 165 -7.51 5.84 -8.62
CA LEU B 165 -7.20 7.27 -8.66
C LEU B 165 -6.25 7.62 -9.82
N PRO B 166 -6.47 8.76 -10.49
CA PRO B 166 -5.56 9.18 -11.55
C PRO B 166 -4.33 9.88 -11.02
N ILE B 167 -3.19 9.60 -11.65
CA ILE B 167 -1.94 10.32 -11.47
C ILE B 167 -2.12 11.75 -11.98
N VAL B 168 -1.57 12.70 -11.23
CA VAL B 168 -1.82 14.11 -11.45
C VAL B 168 -0.52 14.75 -11.93
N GLU B 169 -0.61 15.73 -12.84
CA GLU B 169 0.57 16.47 -13.35
C GLU B 169 1.40 17.10 -12.24
N ARG B 170 2.71 16.94 -12.33
CA ARG B 170 3.66 17.46 -11.36
C ARG B 170 3.44 18.94 -10.97
N PRO B 171 3.12 19.84 -11.94
CA PRO B 171 2.87 21.25 -11.54
C PRO B 171 1.63 21.44 -10.66
N VAL B 172 0.54 20.71 -10.94
CA VAL B 172 -0.63 20.74 -10.07
C VAL B 172 -0.32 20.19 -8.67
N CYS B 173 0.51 19.14 -8.59
CA CYS B 173 0.96 18.62 -7.29
C CYS B 173 1.66 19.71 -6.48
N LYS B 174 2.64 20.37 -7.10
CA LYS B 174 3.41 21.44 -6.49
C LYS B 174 2.56 22.60 -5.94
N ASP B 175 1.58 23.06 -6.74
CA ASP B 175 0.75 24.21 -6.36
C ASP B 175 -0.16 23.96 -5.18
N SER B 176 -0.46 22.69 -4.92
CA SER B 176 -1.49 22.31 -3.94
C SER B 176 -1.03 22.23 -2.48
N THR B 177 0.28 22.36 -2.24
CA THR B 177 0.83 22.18 -0.90
C THR B 177 2.03 23.09 -0.69
N ARG B 178 2.25 23.49 0.55
CA ARG B 178 3.37 24.36 0.88
C ARG B 178 4.62 23.53 1.14
N ILE B 179 4.46 22.21 1.18
CA ILE B 179 5.58 21.30 1.46
C ILE B 179 6.43 21.18 0.22
N ARG B 180 7.75 21.05 0.42
CA ARG B 180 8.72 20.93 -0.67
C ARG B 180 8.72 19.49 -1.20
N ILE B 181 8.08 19.30 -2.35
CA ILE B 181 7.99 17.96 -2.95
C ILE B 181 9.21 17.64 -3.82
N THR B 182 9.71 16.41 -3.73
CA THR B 182 10.88 15.98 -4.50
C THR B 182 10.50 15.06 -5.65
N ASP B 183 11.51 14.61 -6.38
CA ASP B 183 11.32 13.70 -7.52
C ASP B 183 11.15 12.25 -7.06
N ASN B 184 11.20 12.05 -5.75
CA ASN B 184 10.93 10.75 -5.15
C ASN B 184 9.48 10.57 -4.72
N MET B 185 8.60 11.46 -5.20
CA MET B 185 7.17 11.44 -4.89
C MET B 185 6.38 11.70 -6.14
N PHE B 186 5.15 11.18 -6.18
CA PHE B 186 4.13 11.67 -7.11
C PHE B 186 2.80 11.83 -6.35
N CYS B 187 1.83 12.47 -6.99
CA CYS B 187 0.56 12.68 -6.32
C CYS B 187 -0.56 12.16 -7.21
N ALA B 188 -1.66 11.73 -6.57
CA ALA B 188 -2.80 11.18 -7.31
C ALA B 188 -4.08 11.65 -6.64
N GLY B 189 -5.17 11.67 -7.40
CA GLY B 189 -6.48 12.07 -6.89
C GLY B 189 -7.23 12.80 -7.97
N TYR B 190 -8.55 12.92 -7.81
CA TYR B 190 -9.32 13.70 -8.75
C TYR B 190 -9.24 15.21 -8.48
N LYS B 191 -9.34 16.01 -9.55
CA LYS B 191 -9.34 17.47 -9.44
C LYS B 191 -10.76 17.91 -9.08
N PRO B 192 -10.88 19.07 -8.39
CA PRO B 192 -12.18 19.55 -7.88
C PRO B 192 -13.30 19.56 -8.94
N ASP B 193 -12.96 19.87 -10.18
CA ASP B 193 -13.93 19.93 -11.28
C ASP B 193 -14.29 18.60 -11.96
N GLU B 194 -13.73 17.48 -11.51
CA GLU B 194 -13.99 16.20 -12.20
C GLU B 194 -15.17 15.40 -11.63
N GLY B 195 -15.72 15.85 -10.50
CA GLY B 195 -16.92 15.25 -9.93
C GLY B 195 -16.85 13.85 -9.31
N LYS B 196 -15.71 13.17 -9.44
CA LYS B 196 -15.46 11.93 -8.68
C LYS B 196 -14.50 12.24 -7.55
N ARG B 197 -14.59 11.45 -6.47
CA ARG B 197 -13.76 11.65 -5.27
C ARG B 197 -13.04 10.35 -4.91
N GLY B 198 -12.13 10.43 -3.93
CA GLY B 198 -11.46 9.24 -3.41
C GLY B 198 -10.10 9.62 -2.88
N ASP B 199 -9.65 8.90 -1.87
CA ASP B 199 -8.32 9.14 -1.28
C ASP B 199 -7.95 8.00 -0.32
N ALA B 200 -6.66 7.92 0.04
CA ALA B 200 -6.24 7.10 1.15
C ALA B 200 -6.48 7.92 2.43
N CYS B 201 -6.34 7.29 3.60
CA CYS B 201 -6.58 7.97 4.88
C CYS B 201 -5.84 7.21 6.00
N GLU B 202 -5.97 7.69 7.25
N GLU B 202 -5.96 7.68 7.24
CA GLU B 202 -5.25 7.09 8.40
CA GLU B 202 -5.25 7.10 8.37
C GLU B 202 -5.38 5.56 8.46
C GLU B 202 -5.37 5.57 8.43
N GLY B 203 -4.23 4.89 8.55
CA GLY B 203 -4.18 3.43 8.52
C GLY B 203 -3.90 2.81 7.14
N ASP B 204 -4.09 3.58 6.06
CA ASP B 204 -3.78 3.11 4.72
C ASP B 204 -2.29 3.27 4.39
N SER B 205 -1.59 4.10 5.17
CA SER B 205 -0.18 4.38 4.97
C SER B 205 0.61 3.10 4.79
N GLY B 206 1.61 3.14 3.91
CA GLY B 206 2.48 1.99 3.67
C GLY B 206 1.94 1.01 2.66
N GLY B 207 0.66 1.16 2.30
CA GLY B 207 0.02 0.28 1.32
C GLY B 207 0.44 0.57 -0.12
N PRO B 208 0.12 -0.35 -1.04
CA PRO B 208 0.56 -0.23 -2.44
C PRO B 208 -0.37 0.59 -3.34
N PHE B 209 0.24 1.41 -4.18
CA PHE B 209 -0.43 2.00 -5.32
C PHE B 209 0.01 1.15 -6.51
N VAL B 210 -0.94 0.44 -7.12
CA VAL B 210 -0.60 -0.52 -8.16
C VAL B 210 -1.23 -0.17 -9.51
N MET B 211 -0.57 -0.59 -10.60
CA MET B 211 -1.08 -0.39 -11.96
C MET B 211 -0.99 -1.71 -12.76
N LYS B 212 -1.97 -1.94 -13.65
CA LYS B 212 -1.96 -3.15 -14.46
C LYS B 212 -1.42 -2.86 -15.86
N SER B 213 -0.47 -3.65 -16.32
CA SER B 213 0.01 -3.53 -17.70
C SER B 213 -0.89 -4.30 -18.67
N PRO B 214 -1.42 -3.63 -19.70
CA PRO B 214 -2.33 -4.33 -20.63
C PRO B 214 -1.63 -5.31 -21.58
N PHE B 215 -0.30 -5.21 -21.71
CA PHE B 215 0.46 -6.06 -22.62
C PHE B 215 0.93 -7.38 -22.07
N ASN B 216 1.21 -7.47 -20.77
CA ASN B 216 1.53 -8.77 -20.17
C ASN B 216 0.53 -9.18 -19.11
N ASN B 217 -0.44 -8.33 -18.81
CA ASN B 217 -1.48 -8.64 -17.80
C ASN B 217 -1.07 -8.62 -16.32
N ARG B 218 0.12 -8.11 -16.03
CA ARG B 218 0.64 -8.13 -14.68
C ARG B 218 0.39 -6.84 -13.93
N TRP B 219 0.32 -6.97 -12.60
CA TRP B 219 0.21 -5.83 -11.71
C TRP B 219 1.58 -5.38 -11.22
N TYR B 220 1.81 -4.06 -11.23
CA TYR B 220 3.05 -3.48 -10.79
C TYR B 220 2.81 -2.48 -9.67
N GLN B 221 3.67 -2.51 -8.66
CA GLN B 221 3.60 -1.52 -7.63
C GLN B 221 4.39 -0.29 -8.06
N MET B 222 3.70 0.81 -8.28
CA MET B 222 4.35 2.04 -8.71
C MET B 222 4.58 3.00 -7.55
N GLY B 223 3.78 2.86 -6.49
CA GLY B 223 3.84 3.76 -5.33
C GLY B 223 3.57 3.11 -3.98
N ILE B 224 3.87 3.89 -2.93
CA ILE B 224 3.58 3.52 -1.55
C ILE B 224 2.80 4.69 -0.94
N VAL B 225 1.67 4.40 -0.28
CA VAL B 225 0.92 5.47 0.39
C VAL B 225 1.81 6.13 1.44
N SER B 226 2.06 7.43 1.25
CA SER B 226 3.04 8.16 2.05
C SER B 226 2.42 9.25 2.91
N TRP B 227 1.86 10.29 2.29
CA TRP B 227 1.28 11.38 3.07
C TRP B 227 0.23 12.18 2.29
N GLY B 228 -0.48 13.01 3.02
CA GLY B 228 -1.54 13.87 2.48
C GLY B 228 -1.98 14.84 3.57
N GLU B 229 -2.77 15.84 3.20
CA GLU B 229 -3.26 16.83 4.16
C GLU B 229 -4.76 16.61 4.35
N GLY B 230 -5.11 15.89 5.42
CA GLY B 230 -6.48 15.41 5.61
C GLY B 230 -6.77 14.26 4.66
N CYS B 231 -8.04 14.00 4.39
CA CYS B 231 -8.41 12.90 3.50
C CYS B 231 -9.51 13.38 2.61
N ASP B 232 -9.32 13.23 1.30
CA ASP B 232 -10.32 13.58 0.30
C ASP B 232 -10.74 15.07 0.30
N ARG B 233 -9.83 15.98 0.67
CA ARG B 233 -10.14 17.40 0.60
C ARG B 233 -10.10 17.91 -0.84
N ASP B 234 -10.99 18.85 -1.18
CA ASP B 234 -10.96 19.52 -2.48
C ASP B 234 -9.70 20.33 -2.69
N GLY B 235 -9.11 20.23 -3.88
CA GLY B 235 -7.86 20.90 -4.22
C GLY B 235 -6.66 20.30 -3.52
N LYS B 236 -6.84 19.12 -2.92
CA LYS B 236 -5.75 18.40 -2.24
C LYS B 236 -5.51 17.02 -2.89
N TYR B 237 -4.28 16.51 -2.78
CA TYR B 237 -3.90 15.23 -3.41
C TYR B 237 -3.06 14.39 -2.47
N GLY B 238 -3.24 13.08 -2.52
CA GLY B 238 -2.36 12.19 -1.76
C GLY B 238 -1.02 12.08 -2.46
N PHE B 239 0.03 11.85 -1.68
CA PHE B 239 1.39 11.72 -2.20
C PHE B 239 1.93 10.31 -1.95
N TYR B 240 2.73 9.84 -2.88
CA TYR B 240 3.16 8.46 -2.91
C TYR B 240 4.65 8.40 -3.14
N THR B 241 5.34 7.55 -2.40
CA THR B 241 6.71 7.22 -2.69
C THR B 241 6.84 6.65 -4.11
N HIS B 242 7.80 7.18 -4.86
CA HIS B 242 8.07 6.78 -6.24
C HIS B 242 8.91 5.49 -6.27
N VAL B 243 8.26 4.34 -6.34
CA VAL B 243 8.97 3.07 -6.13
C VAL B 243 10.14 2.88 -7.10
N PHE B 244 9.92 3.14 -8.38
CA PHE B 244 11.00 2.97 -9.35
C PHE B 244 12.27 3.78 -9.06
N ARG B 245 12.13 5.08 -8.73
CA ARG B 245 13.28 5.93 -8.42
C ARG B 245 14.13 5.39 -7.26
N LEU B 246 13.56 4.48 -6.46
CA LEU B 246 14.26 3.96 -5.28
C LEU B 246 14.57 2.48 -5.42
N LYS B 247 14.35 1.94 -6.61
CA LYS B 247 14.58 0.54 -6.87
C LYS B 247 16.03 0.11 -6.62
N LYS B 248 16.99 1.01 -6.86
CA LYS B 248 18.42 0.66 -6.67
C LYS B 248 18.76 0.36 -5.21
N TRP B 249 18.19 1.16 -4.30
CA TRP B 249 18.27 0.85 -2.88
C TRP B 249 17.67 -0.54 -2.53
N ILE B 250 16.45 -0.82 -3.02
CA ILE B 250 15.79 -2.11 -2.75
C ILE B 250 16.72 -3.23 -3.17
N GLN B 251 17.32 -3.02 -4.33
CA GLN B 251 18.16 -4.00 -4.97
C GLN B 251 19.40 -4.27 -4.12
N LYS B 252 20.01 -3.21 -3.61
CA LYS B 252 21.15 -3.33 -2.72
C LYS B 252 20.81 -4.14 -1.47
N VAL B 253 19.67 -3.83 -0.86
CA VAL B 253 19.28 -4.44 0.43
C VAL B 253 18.97 -5.93 0.28
N ILE B 254 18.16 -6.27 -0.71
CA ILE B 254 17.84 -7.65 -1.01
C ILE B 254 19.09 -8.49 -1.38
N ASP B 255 19.99 -7.92 -2.16
CA ASP B 255 21.18 -8.64 -2.64
C ASP B 255 22.17 -8.95 -1.52
N GLN B 256 22.44 -7.94 -0.71
CA GLN B 256 23.38 -8.08 0.42
C GLN B 256 22.84 -8.91 1.59
N PHE B 257 21.52 -8.97 1.75
CA PHE B 257 20.90 -9.59 2.93
C PHE B 257 19.93 -10.74 2.65
N ASP C 1 -11.44 -4.39 19.04
CA ASP C 1 -12.48 -5.20 18.32
C ASP C 1 -11.87 -6.32 17.46
N PHE C 2 -10.59 -6.57 17.62
CA PHE C 2 -9.92 -7.64 16.90
C PHE C 2 -10.22 -8.98 17.55
N GLU C 3 -10.56 -9.98 16.74
CA GLU C 3 -10.65 -11.36 17.23
C GLU C 3 -9.27 -11.76 17.76
N GLU C 4 -9.19 -12.60 18.78
CA GLU C 4 -7.86 -12.92 19.27
C GLU C 4 -7.15 -13.96 18.41
N ILE C 5 -5.84 -13.80 18.33
CA ILE C 5 -4.98 -14.64 17.55
C ILE C 5 -4.23 -15.52 18.55
N PRO C 6 -3.68 -16.68 18.12
CA PRO C 6 -2.95 -17.55 19.06
C PRO C 6 -1.92 -16.76 19.88
N GLU C 7 -1.83 -17.06 21.18
CA GLU C 7 -0.99 -16.26 22.10
C GLU C 7 0.53 -16.47 21.90
N GLU C 8 0.90 -17.54 21.20
CA GLU C 8 2.28 -17.78 20.82
C GLU C 8 2.87 -16.59 20.07
N TYR C 9 2.06 -15.95 19.22
CA TYR C 9 2.51 -14.81 18.42
C TYR C 9 2.61 -13.52 19.21
N LEU C 10 2.04 -13.49 20.40
CA LEU C 10 1.90 -12.24 21.17
C LEU C 10 2.64 -12.20 22.52
N GLN C 11 3.28 -13.30 22.90
CA GLN C 11 3.83 -13.40 24.27
C GLN C 11 5.10 -12.58 24.47
C20 9MX D . -4.14 11.11 6.61
C27 9MX D . -3.67 10.29 5.40
C32 9MX D . -3.21 11.23 4.28
C33 9MX D . -2.55 9.31 5.76
N37 9MX D . -2.78 10.57 3.07
C38 9MX D . -1.86 8.75 4.54
C40 9MX D . -2.52 9.14 3.24
C41 9MX D . -3.55 10.98 1.88
N43 9MX D . -4.53 11.99 2.15
N42 9MX D . -3.32 10.50 0.69
N3 9MX D . -0.73 15.12 7.28
C1 9MX D . -0.67 13.93 8.09
C2 9MX D . -0.02 12.76 7.27
O6 9MX D . -0.19 12.66 6.04
C4 9MX D . -2.01 13.49 8.75
C8 9MX D . -3.11 12.98 7.81
O15 9MX D . -3.98 13.76 7.37
N14 9MX D . -3.13 11.64 7.48
S7 9MX D . 0.08 16.51 7.54
O12 9MX D . -0.44 17.47 6.62
O13 9MX D . 0.01 16.81 8.92
C18 9MX D . 2.67 16.14 8.14
C11 9MX D . 1.71 16.28 7.16
C19 9MX D . 2.11 16.25 5.78
C26 9MX D . 3.41 16.07 5.43
C35 9MX D . 5.78 15.74 6.08
C39 9MX D . 6.72 15.59 7.08
C36 9MX D . 6.36 15.63 8.45
C31 9MX D . 5.04 15.81 8.80
C25 9MX D . 4.03 15.95 7.80
C30 9MX D . 4.41 15.92 6.42
N5 9MX D . 0.79 11.86 7.94
C21 9MX D . 0.66 11.65 9.37
C28 9MX D . 2.04 11.68 10.07
C10 9MX D . 3.08 10.80 9.40
C16 9MX D . 3.06 10.90 7.88
C9 9MX D . 1.64 10.87 7.30
C17 9MX D . -0.12 10.40 9.72
O23 9MX D . 0.44 9.66 10.73
O24 9MX D . -1.17 9.97 9.22
C29 9MX D . 4.47 11.17 9.91
C1 NAG E . 15.17 3.72 17.72
C2 NAG E . 16.48 4.54 17.69
C3 NAG E . 17.75 3.71 17.49
C4 NAG E . 17.72 2.41 18.30
C5 NAG E . 16.42 1.70 17.94
C6 NAG E . 16.37 0.27 18.51
C7 NAG E . 15.89 6.76 16.82
C8 NAG E . 15.98 7.71 15.65
N2 NAG E . 16.47 5.56 16.65
O3 NAG E . 18.88 4.46 17.86
O4 NAG E . 18.86 1.61 18.00
O5 NAG E . 15.34 2.50 18.42
O6 NAG E . 15.88 0.29 19.83
O7 NAG E . 15.31 7.08 17.85
NA NA F . -8.58 15.51 -3.08
#